data_4DGB
#
_entry.id   4DGB
#
_cell.length_a   36.170
_cell.length_b   55.720
_cell.length_c   70.840
_cell.angle_alpha   90.000
_cell.angle_beta   90.000
_cell.angle_gamma   90.000
#
_symmetry.space_group_name_H-M   'P 21 21 21'
#
loop_
_entity.id
_entity.type
_entity.pdbx_description
1 polymer TRIMCyp
2 polymer 'capsid protein'
3 water water
#
loop_
_entity_poly.entity_id
_entity_poly.type
_entity_poly.pdbx_seq_one_letter_code
_entity_poly.pdbx_strand_id
1 'polypeptide(L)'
;MVNPTVFFDIAVDGEPLGRVSFELFADKVPKTAENFRALSTGEKGFGYKGSCFHRIIPGFMCQGGNFTHHNGTGGKSIYG
EKFEDENFILKHTGPGILSMANAGPNTNGSQFFICTAKTEWLDGKHVVFGKVKEGMNIVEAMERFGSRNGKTSKKITIAD
CGQLE
;
A
2 'polypeptide(L)' PGPLPA B
#
# COMPACT_ATOMS: atom_id res chain seq x y z
N VAL A 2 1.24 21.03 5.21
CA VAL A 2 1.57 20.44 3.87
C VAL A 2 1.43 18.95 3.95
N ASN A 3 1.17 18.30 2.84
CA ASN A 3 0.95 16.86 2.89
C ASN A 3 2.20 16.10 3.34
N PRO A 4 2.03 15.07 4.20
CA PRO A 4 3.19 14.29 4.61
C PRO A 4 3.76 13.42 3.50
N THR A 5 5.06 13.12 3.63
CA THR A 5 5.76 12.19 2.77
C THR A 5 6.31 11.04 3.59
N VAL A 6 6.12 9.81 3.10
CA VAL A 6 6.65 8.64 3.78
C VAL A 6 7.50 7.86 2.79
N PHE A 7 8.39 7.02 3.30
CA PHE A 7 9.22 6.21 2.44
C PHE A 7 9.17 4.76 2.88
N PHE A 8 9.35 3.87 1.91
CA PHE A 8 9.66 2.46 2.11
C PHE A 8 11.03 2.16 1.48
N ASP A 9 11.89 1.50 2.23
CA ASP A 9 13.07 0.87 1.65
C ASP A 9 12.71 -0.57 1.38
N ILE A 10 12.72 -0.94 0.10
CA ILE A 10 12.29 -2.25 -0.36
C ILE A 10 13.49 -3.18 -0.54
N ALA A 11 13.30 -4.45 -0.16
CA ALA A 11 14.31 -5.49 -0.30
C ALA A 11 13.72 -6.72 -0.99
N VAL A 12 14.60 -7.48 -1.64
CA VAL A 12 14.23 -8.68 -2.39
C VAL A 12 15.06 -9.80 -1.78
N ASP A 13 14.41 -10.71 -1.06
CA ASP A 13 15.11 -11.69 -0.22
C ASP A 13 16.20 -11.02 0.62
N GLY A 14 15.88 -9.85 1.15
CA GLY A 14 16.81 -9.11 2.00
C GLY A 14 17.83 -8.23 1.28
N GLU A 15 18.00 -8.42 -0.03
CA GLU A 15 18.93 -7.59 -0.81
C GLU A 15 18.24 -6.25 -1.11
N PRO A 16 18.86 -5.13 -0.73
CA PRO A 16 18.19 -3.85 -0.93
C PRO A 16 17.95 -3.56 -2.40
N LEU A 17 16.72 -3.16 -2.71
CA LEU A 17 16.35 -2.77 -4.05
C LEU A 17 16.41 -1.24 -4.13
N GLY A 18 15.63 -0.57 -3.30
CA GLY A 18 15.69 0.88 -3.23
C GLY A 18 14.52 1.48 -2.51
N ARG A 19 14.46 2.80 -2.58
CA ARG A 19 13.50 3.56 -1.81
C ARG A 19 12.33 4.00 -2.70
N VAL A 20 11.12 3.86 -2.18
CA VAL A 20 9.95 4.45 -2.78
C VAL A 20 9.41 5.44 -1.78
N SER A 21 9.19 6.67 -2.24
CA SER A 21 8.57 7.68 -1.39
C SER A 21 7.16 8.01 -1.90
N PHE A 22 6.30 8.41 -0.99
CA PHE A 22 4.90 8.68 -1.30
C PHE A 22 4.49 10.02 -0.72
N GLU A 23 3.70 10.75 -1.47
CA GLU A 23 2.94 11.85 -0.91
C GLU A 23 1.60 11.30 -0.48
N LEU A 24 1.20 11.63 0.75
CA LEU A 24 -0.09 11.22 1.26
C LEU A 24 -1.03 12.44 1.22
N PHE A 25 -2.18 12.27 0.58
CA PHE A 25 -3.10 13.38 0.37
C PHE A 25 -3.95 13.67 1.60
N ALA A 26 -3.29 14.10 2.67
CA ALA A 26 -3.95 14.45 3.94
C ALA A 26 -4.97 15.55 3.77
N ASP A 27 -4.77 16.40 2.77
CA ASP A 27 -5.70 17.47 2.47
C ASP A 27 -7.05 16.99 1.95
N LYS A 28 -7.11 15.78 1.39
CA LYS A 28 -8.37 15.25 0.85
C LYS A 28 -8.92 14.05 1.62
N VAL A 29 -8.03 13.21 2.14
CA VAL A 29 -8.41 12.01 2.90
C VAL A 29 -7.53 11.95 4.14
N PRO A 30 -7.73 12.88 5.09
CA PRO A 30 -6.89 12.96 6.27
C PRO A 30 -6.86 11.67 7.12
N LYS A 31 -8.00 11.04 7.31
CA LYS A 31 -8.07 9.87 8.19
C LYS A 31 -7.30 8.71 7.57
N THR A 32 -7.49 8.53 6.26
CA THR A 32 -6.81 7.49 5.52
C THR A 32 -5.30 7.75 5.41
N ALA A 33 -4.93 9.00 5.12
CA ALA A 33 -3.53 9.37 5.06
C ALA A 33 -2.81 9.12 6.40
N GLU A 34 -3.47 9.51 7.49
CA GLU A 34 -2.88 9.40 8.82
C GLU A 34 -2.66 7.95 9.21
N ASN A 35 -3.60 7.09 8.86
CA ASN A 35 -3.46 5.65 9.10
C ASN A 35 -2.16 5.13 8.48
N PHE A 36 -2.00 5.39 7.19
CA PHE A 36 -0.83 4.94 6.45
C PHE A 36 0.45 5.57 7.00
N ARG A 37 0.40 6.87 7.31
CA ARG A 37 1.54 7.59 7.88
C ARG A 37 2.00 6.93 9.17
N ALA A 38 1.07 6.71 10.10
CA ALA A 38 1.43 6.16 11.40
C ALA A 38 1.87 4.69 11.32
N LEU A 39 1.28 3.94 10.39
CA LEU A 39 1.71 2.56 10.17
C LEU A 39 3.13 2.55 9.57
N SER A 40 3.47 3.59 8.82
CA SER A 40 4.78 3.72 8.20
C SER A 40 5.86 4.09 9.21
N THR A 41 5.52 4.87 10.21
CA THR A 41 6.49 5.19 11.25
C THR A 41 6.53 4.15 12.37
N GLY A 42 5.47 3.35 12.52
CA GLY A 42 5.39 2.37 13.59
C GLY A 42 5.08 2.93 14.96
N GLU A 43 4.70 4.22 15.02
CA GLU A 43 4.53 4.93 16.30
C GLU A 43 3.44 4.37 17.24
N LYS A 44 2.50 3.62 16.69
CA LYS A 44 1.48 2.97 17.54
C LYS A 44 1.93 1.62 18.10
N GLY A 45 3.11 1.16 17.69
CA GLY A 45 3.64 -0.14 18.18
C GLY A 45 3.43 -1.28 17.21
N PHE A 46 2.94 -0.96 16.02
CA PHE A 46 2.75 -1.91 14.92
C PHE A 46 2.74 -1.14 13.62
N GLY A 47 2.91 -1.84 12.52
CA GLY A 47 2.98 -1.19 11.23
C GLY A 47 3.71 -1.96 10.17
N TYR A 48 4.13 -1.23 9.15
CA TYR A 48 4.59 -1.84 7.91
C TYR A 48 6.02 -2.37 7.94
N LYS A 49 6.84 -1.89 8.85
CA LYS A 49 8.24 -2.36 8.86
C LYS A 49 8.31 -3.86 8.97
N GLY A 50 9.05 -4.50 8.06
CA GLY A 50 9.17 -5.95 8.06
C GLY A 50 8.08 -6.69 7.31
N SER A 51 7.07 -5.97 6.83
CA SER A 51 5.99 -6.61 6.09
C SER A 51 6.37 -6.79 4.63
N CYS A 52 5.57 -7.56 3.91
CA CYS A 52 5.89 -7.88 2.54
CA CYS A 52 5.86 -7.94 2.54
C CYS A 52 4.83 -7.38 1.59
N PHE A 53 5.22 -7.26 0.33
CA PHE A 53 4.24 -7.10 -0.74
C PHE A 53 3.91 -8.52 -1.18
N HIS A 54 2.76 -9.01 -0.72
CA HIS A 54 2.40 -10.40 -0.88
C HIS A 54 1.64 -10.71 -2.17
N ARG A 55 1.14 -9.67 -2.85
CA ARG A 55 0.38 -9.84 -4.08
CA ARG A 55 0.36 -9.83 -4.07
C ARG A 55 0.86 -8.78 -5.06
N ILE A 56 1.54 -9.22 -6.12
CA ILE A 56 2.09 -8.30 -7.12
C ILE A 56 1.67 -8.82 -8.48
N ILE A 57 0.86 -8.04 -9.20
CA ILE A 57 0.30 -8.46 -10.49
C ILE A 57 0.81 -7.49 -11.53
N PRO A 58 1.70 -7.96 -12.42
CA PRO A 58 2.28 -7.10 -13.43
C PRO A 58 1.22 -6.44 -14.28
N GLY A 59 1.45 -5.15 -14.55
CA GLY A 59 0.52 -4.36 -15.35
C GLY A 59 -0.70 -3.90 -14.58
N PHE A 60 -0.74 -4.18 -13.28
CA PHE A 60 -1.87 -3.86 -12.43
C PHE A 60 -1.44 -3.17 -11.15
N MET A 61 -0.94 -3.89 -10.15
CA MET A 61 -0.61 -3.26 -8.89
C MET A 61 0.26 -4.13 -8.02
N CYS A 62 0.88 -3.48 -7.04
CA CYS A 62 1.64 -4.16 -5.99
C CYS A 62 0.96 -3.94 -4.66
N GLN A 63 0.59 -5.03 -3.99
CA GLN A 63 -0.18 -4.92 -2.76
C GLN A 63 0.62 -5.43 -1.57
N GLY A 64 0.54 -4.71 -0.46
CA GLY A 64 1.12 -5.17 0.79
C GLY A 64 0.33 -4.73 2.00
N GLY A 65 0.98 -4.72 3.14
CA GLY A 65 0.41 -4.16 4.35
C GLY A 65 -0.10 -5.15 5.37
N ASN A 66 0.09 -6.45 5.13
CA ASN A 66 -0.18 -7.48 6.16
C ASN A 66 0.84 -7.36 7.27
N PHE A 67 0.40 -7.46 8.52
CA PHE A 67 1.31 -7.71 9.63
C PHE A 67 0.54 -8.42 10.73
N THR A 68 1.24 -9.02 11.68
CA THR A 68 0.58 -9.81 12.72
C THR A 68 0.05 -8.92 13.87
N HIS A 69 -1.15 -9.27 14.36
CA HIS A 69 -1.77 -8.69 15.55
C HIS A 69 -2.65 -9.80 16.18
N HIS A 70 -3.27 -9.57 17.34
CA HIS A 70 -3.95 -10.68 18.06
C HIS A 70 -5.01 -11.47 17.26
N ASN A 71 -5.95 -10.74 16.66
CA ASN A 71 -7.09 -11.37 15.95
C ASN A 71 -6.80 -11.67 14.48
N GLY A 72 -5.53 -11.59 14.07
CA GLY A 72 -5.20 -11.74 12.66
C GLY A 72 -3.74 -11.65 12.28
N THR A 73 -3.48 -12.00 11.03
CA THR A 73 -2.17 -11.82 10.39
C THR A 73 -2.30 -10.84 9.23
N GLY A 74 -3.52 -10.33 9.02
CA GLY A 74 -3.86 -9.49 7.86
C GLY A 74 -3.75 -7.99 8.08
N GLY A 75 -3.21 -7.59 9.23
CA GLY A 75 -3.02 -6.18 9.53
C GLY A 75 -4.26 -5.56 10.14
N LYS A 76 -4.11 -4.34 10.61
CA LYS A 76 -5.23 -3.59 11.16
C LYS A 76 -4.89 -2.10 11.04
N SER A 77 -5.92 -1.25 11.16
CA SER A 77 -5.73 0.20 11.12
C SER A 77 -5.28 0.69 12.48
N ILE A 78 -4.99 1.98 12.56
CA ILE A 78 -4.68 2.64 13.83
C ILE A 78 -5.96 3.04 14.61
N TYR A 79 -7.14 2.75 14.07
CA TYR A 79 -8.41 3.13 14.67
C TYR A 79 -9.19 1.91 15.21
N GLY A 80 -8.50 0.87 15.62
CA GLY A 80 -9.14 -0.43 15.85
C GLY A 80 -8.99 -1.22 14.55
N GLU A 81 -9.75 -2.31 14.41
CA GLU A 81 -9.46 -3.26 13.35
C GLU A 81 -9.69 -2.69 11.94
N LYS A 82 -10.90 -2.19 11.68
CA LYS A 82 -11.21 -1.59 10.36
C LYS A 82 -11.80 -0.19 10.49
N PHE A 83 -11.82 0.55 9.38
CA PHE A 83 -12.49 1.86 9.34
C PHE A 83 -13.16 2.12 8.01
N GLU A 84 -14.08 3.08 8.04
CA GLU A 84 -14.94 3.37 6.91
C GLU A 84 -14.19 3.92 5.70
N ASP A 85 -14.77 3.75 4.52
CA ASP A 85 -14.26 4.47 3.34
C ASP A 85 -14.48 5.95 3.60
N GLU A 86 -13.37 6.69 3.61
CA GLU A 86 -13.44 8.12 3.96
C GLU A 86 -14.15 8.92 2.89
N ASN A 87 -13.63 8.83 1.68
CA ASN A 87 -14.30 9.38 0.51
C ASN A 87 -13.70 8.76 -0.74
N PHE A 88 -14.33 9.00 -1.89
CA PHE A 88 -13.80 8.54 -3.18
C PHE A 88 -13.51 9.74 -4.09
N ILE A 89 -12.95 10.81 -3.53
CA ILE A 89 -12.68 12.02 -4.30
C ILE A 89 -11.65 11.72 -5.40
N LEU A 90 -10.61 11.00 -5.04
CA LEU A 90 -9.49 10.78 -5.96
C LEU A 90 -9.66 9.49 -6.76
N LYS A 91 -9.20 9.52 -8.00
CA LYS A 91 -9.34 8.38 -8.91
C LYS A 91 -8.02 7.67 -9.15
N HIS A 92 -8.14 6.44 -9.65
CA HIS A 92 -7.00 5.58 -9.98
C HIS A 92 -6.63 5.93 -11.41
N THR A 93 -5.87 7.01 -11.56
CA THR A 93 -5.68 7.64 -12.86
C THR A 93 -4.50 7.13 -13.67
N GLY A 94 -3.60 6.39 -13.03
CA GLY A 94 -2.39 5.93 -13.68
C GLY A 94 -1.40 5.32 -12.73
N PRO A 95 -0.21 4.98 -13.24
CA PRO A 95 0.86 4.41 -12.42
C PRO A 95 1.21 5.30 -11.23
N GLY A 96 1.45 4.66 -10.09
CA GLY A 96 1.97 5.36 -8.92
C GLY A 96 0.90 5.71 -7.89
N ILE A 97 -0.37 5.53 -8.26
CA ILE A 97 -1.48 5.76 -7.32
C ILE A 97 -1.40 4.81 -6.15
N LEU A 98 -1.55 5.35 -4.94
CA LEU A 98 -1.58 4.60 -3.69
C LEU A 98 -3.02 4.54 -3.17
N SER A 99 -3.54 3.34 -2.95
CA SER A 99 -4.97 3.15 -2.67
C SER A 99 -5.18 2.03 -1.62
N MET A 100 -6.32 2.02 -0.94
CA MET A 100 -6.57 1.03 0.10
C MET A 100 -7.15 -0.26 -0.45
N ALA A 101 -6.56 -1.38 -0.04
CA ALA A 101 -7.17 -2.68 -0.23
C ALA A 101 -8.33 -2.80 0.77
N ASN A 102 -9.30 -3.64 0.45
CA ASN A 102 -10.41 -3.86 1.36
C ASN A 102 -11.14 -5.18 1.04
N ALA A 103 -12.13 -5.50 1.87
CA ALA A 103 -12.97 -6.68 1.69
C ALA A 103 -14.41 -6.23 1.49
N GLY A 104 -14.59 -5.20 0.68
CA GLY A 104 -15.90 -4.59 0.48
C GLY A 104 -16.01 -3.27 1.20
N PRO A 105 -17.16 -2.61 1.08
CA PRO A 105 -17.32 -1.27 1.65
C PRO A 105 -17.04 -1.19 3.16
N ASN A 106 -16.38 -0.11 3.54
CA ASN A 106 -16.08 0.19 4.94
C ASN A 106 -15.28 -0.89 5.67
N THR A 107 -14.27 -1.43 5.01
CA THR A 107 -13.40 -2.47 5.61
C THR A 107 -11.91 -2.16 5.45
N ASN A 108 -11.55 -0.88 5.54
CA ASN A 108 -10.17 -0.47 5.47
C ASN A 108 -9.42 -0.88 6.72
N GLY A 109 -8.26 -1.50 6.51
CA GLY A 109 -7.38 -1.87 7.62
C GLY A 109 -6.03 -1.26 7.42
N SER A 110 -5.03 -2.11 7.15
CA SER A 110 -3.66 -1.65 6.82
C SER A 110 -3.24 -1.94 5.39
N GLN A 111 -3.94 -2.85 4.72
CA GLN A 111 -3.50 -3.27 3.41
C GLN A 111 -3.74 -2.20 2.36
N PHE A 112 -2.80 -2.10 1.45
CA PHE A 112 -2.81 -1.03 0.46
C PHE A 112 -2.22 -1.58 -0.81
N PHE A 113 -2.37 -0.84 -1.89
CA PHE A 113 -1.70 -1.20 -3.12
C PHE A 113 -1.21 0.01 -3.90
N ILE A 114 -0.20 -0.21 -4.71
CA ILE A 114 0.39 0.82 -5.57
C ILE A 114 0.07 0.37 -6.98
N CYS A 115 -0.63 1.20 -7.74
CA CYS A 115 -1.01 0.87 -9.10
C CYS A 115 0.18 1.05 -10.01
N THR A 116 0.31 0.19 -11.01
CA THR A 116 1.32 0.36 -12.04
C THR A 116 0.67 0.70 -13.38
N ALA A 117 -0.64 0.93 -13.32
CA ALA A 117 -1.41 1.34 -14.48
C ALA A 117 -2.68 2.05 -14.03
N LYS A 118 -3.32 2.76 -14.96
CA LYS A 118 -4.66 3.28 -14.70
C LYS A 118 -5.63 2.12 -14.43
N THR A 119 -6.33 2.18 -13.31
CA THR A 119 -7.26 1.11 -12.92
C THR A 119 -8.64 1.70 -12.56
N GLU A 120 -9.30 2.29 -13.55
CA GLU A 120 -10.52 3.08 -13.30
C GLU A 120 -11.69 2.27 -12.73
N TRP A 121 -11.70 0.96 -12.95
CA TRP A 121 -12.74 0.05 -12.42
C TRP A 121 -12.71 -0.08 -10.91
N LEU A 122 -11.63 0.40 -10.29
CA LEU A 122 -11.53 0.48 -8.83
C LEU A 122 -12.04 1.82 -8.28
N ASP A 123 -12.29 2.80 -9.15
CA ASP A 123 -12.80 4.09 -8.69
C ASP A 123 -14.14 3.86 -8.01
N GLY A 124 -14.30 4.43 -6.81
CA GLY A 124 -15.52 4.30 -6.02
C GLY A 124 -15.57 3.02 -5.18
N LYS A 125 -14.54 2.19 -5.28
CA LYS A 125 -14.46 0.92 -4.53
C LYS A 125 -13.29 0.92 -3.56
N HIS A 126 -12.21 1.61 -3.91
CA HIS A 126 -11.00 1.70 -3.10
C HIS A 126 -10.64 3.14 -2.90
N VAL A 127 -10.32 3.50 -1.68
CA VAL A 127 -9.99 4.88 -1.34
C VAL A 127 -8.53 5.19 -1.76
N VAL A 128 -8.38 6.02 -2.78
CA VAL A 128 -7.09 6.57 -3.17
C VAL A 128 -6.67 7.64 -2.15
N PHE A 129 -5.44 7.55 -1.64
CA PHE A 129 -4.98 8.47 -0.60
C PHE A 129 -3.55 8.97 -0.77
N GLY A 130 -2.88 8.60 -1.86
CA GLY A 130 -1.52 9.08 -2.07
C GLY A 130 -1.02 8.73 -3.46
N LYS A 131 0.24 9.05 -3.68
CA LYS A 131 0.90 8.68 -4.92
C LYS A 131 2.40 8.57 -4.69
N VAL A 132 3.03 7.74 -5.51
CA VAL A 132 4.49 7.65 -5.55
C VAL A 132 5.07 9.00 -5.96
N LYS A 133 6.06 9.43 -5.20
CA LYS A 133 6.76 10.68 -5.43
C LYS A 133 8.11 10.34 -6.07
N GLU A 134 8.94 9.60 -5.36
CA GLU A 134 10.23 9.14 -5.86
C GLU A 134 10.23 7.64 -5.87
N GLY A 135 11.00 7.06 -6.79
CA GLY A 135 11.22 5.64 -6.76
C GLY A 135 10.24 4.81 -7.55
N MET A 136 9.56 5.40 -8.51
CA MET A 136 8.69 4.61 -9.39
C MET A 136 9.50 3.50 -10.09
N ASN A 137 10.76 3.75 -10.39
CA ASN A 137 11.67 2.71 -10.92
C ASN A 137 11.77 1.48 -10.01
N ILE A 138 11.71 1.71 -8.70
CA ILE A 138 11.74 0.62 -7.72
C ILE A 138 10.41 -0.15 -7.75
N VAL A 139 9.29 0.56 -7.89
CA VAL A 139 7.99 -0.10 -8.01
C VAL A 139 7.97 -0.95 -9.28
N GLU A 140 8.51 -0.43 -10.36
CA GLU A 140 8.62 -1.19 -11.59
C GLU A 140 9.50 -2.44 -11.41
N ALA A 141 10.54 -2.31 -10.61
CA ALA A 141 11.42 -3.44 -10.31
C ALA A 141 10.65 -4.50 -9.48
N MET A 142 9.90 -4.04 -8.50
CA MET A 142 9.06 -4.94 -7.70
C MET A 142 8.11 -5.72 -8.59
N GLU A 143 7.52 -5.02 -9.55
CA GLU A 143 6.52 -5.59 -10.43
C GLU A 143 7.06 -6.82 -11.13
N ARG A 144 8.34 -6.80 -11.48
CA ARG A 144 8.98 -7.92 -12.16
C ARG A 144 9.11 -9.19 -11.30
N PHE A 145 8.89 -9.07 -9.99
CA PHE A 145 8.84 -10.23 -9.11
C PHE A 145 7.42 -10.75 -8.86
N GLY A 146 6.45 -10.16 -9.56
CA GLY A 146 5.08 -10.59 -9.48
C GLY A 146 4.76 -11.68 -10.49
N SER A 147 3.49 -11.99 -10.59
CA SER A 147 3.00 -12.99 -11.51
C SER A 147 1.53 -12.71 -11.77
N ARG A 148 0.93 -13.44 -12.70
CA ARG A 148 -0.44 -13.13 -13.10
C ARG A 148 -1.44 -13.33 -11.97
N ASN A 149 -1.24 -14.34 -11.12
CA ASN A 149 -2.13 -14.58 -9.98
C ASN A 149 -1.69 -13.82 -8.74
N GLY A 150 -0.58 -13.09 -8.83
CA GLY A 150 -0.14 -12.23 -7.75
C GLY A 150 0.97 -12.80 -6.87
N LYS A 151 1.16 -14.11 -6.90
CA LYS A 151 2.23 -14.72 -6.11
C LYS A 151 3.59 -14.16 -6.54
N THR A 152 4.41 -13.80 -5.57
CA THR A 152 5.72 -13.25 -5.86
C THR A 152 6.77 -14.36 -5.93
N SER A 153 7.78 -14.15 -6.77
CA SER A 153 8.76 -15.18 -7.04
C SER A 153 9.93 -15.10 -6.06
N LYS A 154 10.06 -13.94 -5.42
CA LYS A 154 10.95 -13.75 -4.28
C LYS A 154 10.20 -12.93 -3.27
N LYS A 155 10.70 -12.92 -2.03
CA LYS A 155 10.07 -12.18 -0.95
C LYS A 155 10.43 -10.71 -1.05
N ILE A 156 9.41 -9.89 -1.31
CA ILE A 156 9.54 -8.45 -1.46
C ILE A 156 9.11 -7.79 -0.15
N THR A 157 10.06 -7.25 0.59
CA THR A 157 9.79 -6.80 1.95
C THR A 157 10.06 -5.31 2.11
N ILE A 158 9.43 -4.74 3.14
CA ILE A 158 9.67 -3.37 3.55
C ILE A 158 10.73 -3.42 4.64
N ALA A 159 11.98 -3.25 4.24
CA ALA A 159 13.11 -3.39 5.16
C ALA A 159 13.09 -2.27 6.20
N ASP A 160 12.72 -1.08 5.73
CA ASP A 160 12.56 0.05 6.63
C ASP A 160 11.51 0.96 6.04
N CYS A 161 10.91 1.77 6.89
CA CYS A 161 9.94 2.74 6.47
C CYS A 161 9.80 3.80 7.54
N GLY A 162 9.29 4.95 7.13
CA GLY A 162 9.12 6.06 8.04
C GLY A 162 8.70 7.30 7.30
N GLN A 163 8.87 8.43 7.98
CA GLN A 163 8.41 9.73 7.46
C GLN A 163 9.60 10.58 7.09
N LEU A 164 9.51 11.22 5.93
CA LEU A 164 10.57 12.09 5.40
C LEU A 164 10.31 13.56 5.74
N PRO B 1 -8.28 -11.87 -1.47
CA PRO B 1 -8.13 -11.81 -2.93
C PRO B 1 -7.49 -10.54 -3.51
N GLY B 2 -7.61 -9.39 -2.83
CA GLY B 2 -7.02 -8.13 -3.33
C GLY B 2 -7.92 -7.42 -4.34
N PRO B 3 -7.62 -6.14 -4.68
CA PRO B 3 -8.51 -5.45 -5.63
C PRO B 3 -8.76 -6.29 -6.87
N LEU B 4 -9.98 -6.24 -7.39
CA LEU B 4 -10.36 -7.02 -8.55
C LEU B 4 -9.64 -6.51 -9.79
N PRO B 5 -9.25 -7.41 -10.70
CA PRO B 5 -8.54 -7.01 -11.93
C PRO B 5 -9.44 -6.43 -13.03
N ALA B 6 -10.76 -6.45 -12.82
CA ALA B 6 -11.72 -5.85 -13.76
C ALA B 6 -12.97 -5.37 -13.03
#